data_6FIL
#
_entry.id   6FIL
#
_cell.length_a   62.042
_cell.length_b   74.750
_cell.length_c   75.080
_cell.angle_alpha   90.000
_cell.angle_beta   90.000
_cell.angle_gamma   90.000
#
_symmetry.space_group_name_H-M   'P 21 21 21'
#
loop_
_entity.id
_entity.type
_entity.pdbx_description
1 polymer 'Epithelial discoidin domain-containing receptor 1'
2 non-polymer 2-[8-(2~{H}-indazol-5-ylcarbonyl)-4-oxidanylidene-1-phenyl-1,3,8-triazaspiro[4.5]decan-3-yl]-~{N}-methyl-ethanamide
3 non-polymer 'IODIDE ION'
4 water water
#
_entity_poly.entity_id   1
_entity_poly.type   'polypeptide(L)'
_entity_poly.pdbx_seq_one_letter_code
;PGAVGDGPPRVDFPRSRLRFKEKLGEGQFGEVHLCEVDSPQDLVSLDFPLNVRKGHPLLVAVKILRPDATKNARNDFLKE
VKIMSRLKDPNIIRLLGVCVQDDPLCMITDYMENGDLNQFLSAHQLEDKAAEGAPGDPTISYPMLLHVAAQIASGMRYLA
TLNFVHRDLATRNCLVGENFTIKIADFGMSRNLYAGDYYRVQGRAVLPIRWMAWECILMGKFTTASDVWAFGVTLWEVLM
LCRAQPFGQLTDEQVIENAGEFFRDQGRQVYLSRPPACPQGLYELMLRCWSRESEQRPPFSQLHRFLAEDALNTVHHHHH
H
;
_entity_poly.pdbx_strand_id   A
#
loop_
_chem_comp.id
_chem_comp.type
_chem_comp.name
_chem_comp.formula
D6W non-polymer 2-[8-(2~{H}-indazol-5-ylcarbonyl)-4-oxidanylidene-1-phenyl-1,3,8-triazaspiro[4.5]decan-3-yl]-~{N}-methyl-ethanamide 'C24 H26 N6 O3'
IOD non-polymer 'IODIDE ION' 'I -1'
#
# COMPACT_ATOMS: atom_id res chain seq x y z
N ASP A 12 19.04 -8.15 -18.92
CA ASP A 12 18.82 -7.74 -20.30
C ASP A 12 19.22 -6.29 -20.54
N PHE A 13 19.18 -5.46 -19.50
CA PHE A 13 19.45 -4.04 -19.67
C PHE A 13 20.87 -3.66 -19.26
N PRO A 14 21.59 -2.96 -20.15
CA PRO A 14 22.95 -2.47 -19.87
C PRO A 14 22.92 -1.36 -18.81
N ARG A 15 23.73 -1.50 -17.76
CA ARG A 15 23.73 -0.54 -16.68
CA ARG A 15 23.73 -0.54 -16.68
C ARG A 15 24.35 0.79 -17.09
N SER A 16 25.23 0.75 -18.09
CA SER A 16 25.92 1.94 -18.57
C SER A 16 24.97 2.98 -19.17
N ARG A 17 23.74 2.56 -19.47
CA ARG A 17 22.74 3.44 -20.06
C ARG A 17 21.98 4.25 -19.01
N LEU A 18 22.22 3.95 -17.74
CA LEU A 18 21.61 4.69 -16.64
C LEU A 18 22.47 5.88 -16.22
N ARG A 19 21.80 6.99 -15.94
CA ARG A 19 22.45 8.16 -15.34
C ARG A 19 21.75 8.45 -14.01
N PHE A 20 22.44 8.20 -12.90
CA PHE A 20 21.84 8.34 -11.56
C PHE A 20 21.61 9.80 -11.16
N LYS A 21 20.41 10.12 -10.66
CA LYS A 21 20.03 11.53 -10.45
C LYS A 21 19.73 11.97 -9.00
N GLU A 22 19.01 11.15 -8.26
CA GLU A 22 18.73 11.42 -6.84
C GLU A 22 18.26 10.15 -6.13
N LYS A 23 18.35 10.14 -4.81
CA LYS A 23 17.96 8.96 -4.04
C LYS A 23 16.49 9.07 -3.69
N LEU A 24 15.73 8.01 -3.98
CA LEU A 24 14.30 8.01 -3.73
C LEU A 24 13.94 7.28 -2.44
N GLY A 25 14.86 6.49 -1.91
CA GLY A 25 14.60 5.78 -0.67
C GLY A 25 15.59 4.67 -0.41
N GLU A 26 15.58 4.13 0.80
CA GLU A 26 16.35 2.93 1.07
C GLU A 26 15.56 1.98 1.93
N GLY A 27 15.76 0.68 1.70
CA GLY A 27 15.10 -0.35 2.47
C GLY A 27 16.14 -1.24 3.12
N GLN A 28 15.73 -2.42 3.54
CA GLN A 28 16.63 -3.30 4.29
C GLN A 28 17.70 -3.94 3.40
N PHE A 29 17.40 -4.18 2.13
CA PHE A 29 18.41 -4.87 1.31
C PHE A 29 18.68 -4.18 -0.03
N GLY A 30 18.24 -2.94 -0.17
CA GLY A 30 18.52 -2.20 -1.38
C GLY A 30 18.14 -0.75 -1.25
N GLU A 31 18.55 0.06 -2.22
CA GLU A 31 18.16 1.47 -2.24
C GLU A 31 17.70 1.84 -3.64
N VAL A 32 16.86 2.86 -3.74
CA VAL A 32 16.24 3.20 -5.00
C VAL A 32 16.64 4.59 -5.41
N HIS A 33 17.10 4.71 -6.65
CA HIS A 33 17.53 6.00 -7.21
C HIS A 33 16.68 6.41 -8.41
N LEU A 34 16.45 7.70 -8.55
CA LEU A 34 15.89 8.21 -9.78
C LEU A 34 16.98 8.22 -10.86
N CYS A 35 16.72 7.62 -12.02
CA CYS A 35 17.69 7.59 -13.11
C CYS A 35 17.11 8.10 -14.43
N GLU A 36 18.00 8.62 -15.27
CA GLU A 36 17.68 9.04 -16.63
C GLU A 36 18.20 8.00 -17.61
N VAL A 37 17.41 7.72 -18.65
CA VAL A 37 17.83 6.82 -19.71
C VAL A 37 17.86 7.57 -21.04
N ASP A 38 18.84 7.28 -21.89
CA ASP A 38 18.93 7.92 -23.21
C ASP A 38 18.43 7.01 -24.33
N SER A 39 18.43 5.70 -24.07
CA SER A 39 18.09 4.69 -25.06
C SER A 39 16.62 4.26 -25.00
N PRO A 40 16.13 3.57 -26.05
CA PRO A 40 14.80 2.97 -25.97
C PRO A 40 14.76 1.77 -25.01
N PRO A 57 14.27 12.57 -22.41
CA PRO A 57 14.89 11.51 -21.60
C PRO A 57 13.91 10.84 -20.65
N LEU A 58 13.81 9.52 -20.71
CA LEU A 58 12.92 8.81 -19.81
C LEU A 58 13.47 8.82 -18.39
N LEU A 59 12.59 9.00 -17.42
CA LEU A 59 12.96 8.83 -16.02
C LEU A 59 12.47 7.48 -15.53
N VAL A 60 13.31 6.77 -14.79
CA VAL A 60 12.90 5.52 -14.20
C VAL A 60 13.37 5.43 -12.75
N ALA A 61 12.79 4.52 -11.99
CA ALA A 61 13.28 4.26 -10.65
C ALA A 61 14.08 2.97 -10.64
N VAL A 62 15.29 3.03 -10.10
CA VAL A 62 16.20 1.88 -10.15
C VAL A 62 16.61 1.40 -8.76
N LYS A 63 16.38 0.13 -8.47
CA LYS A 63 16.76 -0.43 -7.18
C LYS A 63 18.10 -1.14 -7.32
N ILE A 64 19.03 -0.80 -6.42
CA ILE A 64 20.37 -1.40 -6.40
C ILE A 64 20.69 -1.89 -4.98
N LEU A 65 21.76 -2.64 -4.83
CA LEU A 65 22.21 -3.04 -3.51
C LEU A 65 22.65 -1.81 -2.69
N ARG A 66 22.45 -1.88 -1.37
CA ARG A 66 23.00 -0.87 -0.47
C ARG A 66 24.53 -0.92 -0.46
N PRO A 67 25.17 0.19 -0.05
CA PRO A 67 26.63 0.22 0.09
C PRO A 67 27.16 -0.80 1.11
N ASP A 68 26.34 -1.15 2.09
CA ASP A 68 26.78 -2.11 3.09
C ASP A 68 26.31 -3.51 2.77
N ALA A 69 26.01 -3.79 1.50
CA ALA A 69 25.33 -5.02 1.12
C ALA A 69 26.11 -6.25 1.58
N THR A 70 25.39 -7.17 2.19
CA THR A 70 25.96 -8.42 2.65
C THR A 70 25.48 -9.58 1.77
N LYS A 71 26.06 -10.76 2.00
CA LYS A 71 25.61 -11.99 1.35
C LYS A 71 24.08 -12.19 1.52
N ASN A 72 23.57 -11.94 2.72
CA ASN A 72 22.14 -12.15 2.96
C ASN A 72 21.26 -11.11 2.26
N ALA A 73 21.72 -9.88 2.18
CA ALA A 73 20.97 -8.83 1.48
C ALA A 73 20.89 -9.13 -0.03
N ARG A 74 21.98 -9.63 -0.61
CA ARG A 74 22.00 -9.99 -2.03
CA ARG A 74 21.98 -9.97 -2.04
C ARG A 74 20.99 -11.10 -2.29
N ASN A 75 20.95 -12.08 -1.39
CA ASN A 75 19.95 -13.15 -1.50
C ASN A 75 18.52 -12.58 -1.48
N ASP A 76 18.23 -11.71 -0.51
CA ASP A 76 16.93 -11.05 -0.45
C ASP A 76 16.62 -10.25 -1.70
N PHE A 77 17.65 -9.59 -2.25
CA PHE A 77 17.50 -8.83 -3.49
C PHE A 77 17.09 -9.72 -4.67
N LEU A 78 17.81 -10.83 -4.86
CA LEU A 78 17.52 -11.73 -5.95
C LEU A 78 16.14 -12.36 -5.83
N LYS A 79 15.73 -12.67 -4.61
CA LYS A 79 14.39 -13.19 -4.40
C LYS A 79 13.33 -12.14 -4.72
N GLU A 80 13.60 -10.88 -4.44
CA GLU A 80 12.62 -9.86 -4.76
C GLU A 80 12.47 -9.73 -6.27
N VAL A 81 13.56 -9.89 -7.00
CA VAL A 81 13.51 -9.89 -8.46
C VAL A 81 12.53 -10.94 -8.97
N LYS A 82 12.61 -12.14 -8.37
CA LYS A 82 11.75 -13.26 -8.76
C LYS A 82 10.28 -12.97 -8.41
N ILE A 83 10.06 -12.42 -7.22
CA ILE A 83 8.70 -12.06 -6.81
C ILE A 83 8.13 -11.02 -7.77
N MET A 84 8.91 -9.96 -8.04
CA MET A 84 8.46 -8.89 -8.92
C MET A 84 8.20 -9.33 -10.37
N SER A 85 8.89 -10.37 -10.82
CA SER A 85 8.68 -10.88 -12.18
CA SER A 85 8.68 -10.89 -12.18
C SER A 85 7.26 -11.42 -12.35
N ARG A 86 6.62 -11.78 -11.25
CA ARG A 86 5.27 -12.32 -11.30
C ARG A 86 4.21 -11.26 -11.58
N LEU A 87 4.53 -10.02 -11.26
CA LEU A 87 3.49 -9.00 -11.08
C LEU A 87 3.33 -8.10 -12.30
N LYS A 88 2.25 -8.31 -13.03
CA LYS A 88 2.00 -7.60 -14.28
C LYS A 88 0.59 -7.02 -14.32
N ASP A 89 0.42 -5.83 -13.73
CA ASP A 89 -0.88 -5.17 -13.64
C ASP A 89 -0.67 -3.66 -13.62
N PRO A 90 -1.57 -2.89 -14.24
CA PRO A 90 -1.44 -1.42 -14.26
C PRO A 90 -1.39 -0.78 -12.85
N ASN A 91 -1.94 -1.47 -11.85
CA ASN A 91 -1.98 -0.87 -10.52
C ASN A 91 -1.06 -1.56 -9.51
N ILE A 92 -0.11 -2.34 -10.02
CA ILE A 92 0.96 -2.93 -9.21
C ILE A 92 2.31 -2.47 -9.78
N ILE A 93 3.28 -2.23 -8.90
CA ILE A 93 4.64 -1.92 -9.36
C ILE A 93 5.09 -3.01 -10.36
N ARG A 94 5.66 -2.60 -11.49
CA ARG A 94 6.04 -3.56 -12.51
CA ARG A 94 6.03 -3.52 -12.57
C ARG A 94 7.54 -3.54 -12.77
N LEU A 95 8.09 -4.70 -13.10
CA LEU A 95 9.51 -4.81 -13.38
C LEU A 95 9.72 -4.47 -14.84
N LEU A 96 10.27 -3.29 -15.12
CA LEU A 96 10.56 -2.87 -16.50
C LEU A 96 11.79 -3.56 -17.05
N GLY A 97 12.73 -3.86 -16.17
CA GLY A 97 13.98 -4.47 -16.58
C GLY A 97 14.87 -4.84 -15.42
N VAL A 98 15.89 -5.64 -15.71
CA VAL A 98 16.95 -5.94 -14.75
C VAL A 98 18.29 -5.77 -15.46
N CYS A 99 19.34 -5.55 -14.68
CA CYS A 99 20.67 -5.41 -15.27
C CYS A 99 21.21 -6.79 -15.63
N VAL A 100 21.99 -6.86 -16.70
CA VAL A 100 22.57 -8.13 -17.18
C VAL A 100 23.51 -8.73 -16.14
N GLN A 101 23.68 -10.06 -16.22
CA GLN A 101 24.44 -10.84 -15.25
C GLN A 101 25.82 -10.27 -14.91
N ASP A 102 26.49 -9.70 -15.91
CA ASP A 102 27.82 -9.12 -15.72
C ASP A 102 27.80 -8.00 -14.71
N ASP A 103 26.85 -7.10 -14.89
CA ASP A 103 26.78 -5.85 -14.13
C ASP A 103 26.36 -6.06 -12.67
N PRO A 104 26.64 -5.07 -11.82
CA PRO A 104 26.08 -5.02 -10.48
C PRO A 104 24.55 -5.08 -10.54
N LEU A 105 23.95 -5.74 -9.55
CA LEU A 105 22.53 -6.05 -9.59
C LEU A 105 21.67 -4.78 -9.64
N CYS A 106 20.59 -4.83 -10.40
CA CYS A 106 19.62 -3.76 -10.37
C CYS A 106 18.25 -4.22 -10.85
N MET A 107 17.22 -3.54 -10.38
CA MET A 107 15.86 -3.67 -10.87
C MET A 107 15.44 -2.29 -11.34
N ILE A 108 14.62 -2.24 -12.39
CA ILE A 108 14.15 -0.97 -12.95
C ILE A 108 12.63 -0.94 -12.97
N THR A 109 12.02 0.15 -12.52
CA THR A 109 10.57 0.29 -12.61
C THR A 109 10.19 1.71 -13.02
N ASP A 110 8.91 1.96 -13.22
CA ASP A 110 8.43 3.30 -13.56
C ASP A 110 8.69 4.29 -12.43
N TYR A 111 9.00 5.53 -12.81
CA TYR A 111 9.07 6.61 -11.85
C TYR A 111 7.67 7.14 -11.56
N MET A 112 7.28 7.10 -10.30
CA MET A 112 5.99 7.61 -9.85
C MET A 112 6.22 8.96 -9.19
N GLU A 113 5.98 10.03 -9.95
CA GLU A 113 6.53 11.35 -9.63
C GLU A 113 5.95 11.99 -8.38
N ASN A 114 4.79 11.52 -7.95
CA ASN A 114 4.10 12.15 -6.83
C ASN A 114 4.31 11.43 -5.49
N GLY A 115 5.19 10.42 -5.48
CA GLY A 115 5.63 9.82 -4.23
C GLY A 115 4.60 8.93 -3.55
N ASP A 116 4.77 8.65 -2.26
CA ASP A 116 3.86 7.70 -1.64
C ASP A 116 2.51 8.37 -1.37
N LEU A 117 1.46 7.56 -1.39
CA LEU A 117 0.09 8.05 -1.35
C LEU A 117 -0.27 8.74 -0.05
N ASN A 118 0.29 8.26 1.06
CA ASN A 118 0.05 8.86 2.37
C ASN A 118 0.51 10.33 2.44
N GLN A 119 1.73 10.59 2.00
CA GLN A 119 2.24 11.98 1.93
C GLN A 119 1.43 12.82 0.96
N PHE A 120 0.98 12.19 -0.12
CA PHE A 120 0.26 12.87 -1.18
C PHE A 120 -1.11 13.35 -0.68
N LEU A 121 -1.88 12.44 -0.08
CA LEU A 121 -3.19 12.79 0.46
C LEU A 121 -3.10 13.77 1.63
N SER A 122 -2.07 13.60 2.46
CA SER A 122 -1.84 14.54 3.57
C SER A 122 -1.68 15.99 3.09
N ALA A 123 -1.24 16.16 1.85
CA ALA A 123 -1.04 17.51 1.29
C ALA A 123 -2.26 18.05 0.56
N HIS A 124 -3.36 17.30 0.55
CA HIS A 124 -4.60 17.79 -0.08
C HIS A 124 -5.70 17.94 0.97
N GLN A 125 -6.67 18.81 0.72
CA GLN A 125 -7.91 18.78 1.51
C GLN A 125 -9.09 18.53 0.57
N LEU A 126 -10.20 18.05 1.13
CA LEU A 126 -11.37 17.78 0.32
C LEU A 126 -11.94 19.08 -0.25
N GLU A 127 -12.23 19.09 -1.55
CA GLU A 127 -12.75 20.28 -2.19
C GLU A 127 -14.03 20.75 -1.51
N ASP A 128 -14.19 22.06 -1.42
CA ASP A 128 -15.34 22.71 -0.80
C ASP A 128 -16.52 22.75 -1.78
N LYS A 129 -16.32 23.41 -2.91
CA LYS A 129 -17.30 23.39 -4.00
C LYS A 129 -16.76 22.61 -5.20
N ALA A 130 -17.63 21.80 -5.81
CA ALA A 130 -17.22 20.93 -6.91
C ALA A 130 -16.77 21.71 -8.14
N ALA A 131 -15.58 21.38 -8.64
CA ALA A 131 -15.04 21.97 -9.88
C ALA A 131 -14.91 23.49 -9.84
N GLU A 132 -14.38 24.02 -8.74
CA GLU A 132 -14.16 25.46 -8.58
C GLU A 132 -12.68 25.80 -8.72
N GLY A 133 -11.83 24.78 -8.57
CA GLY A 133 -10.39 24.98 -8.58
C GLY A 133 -9.72 24.79 -9.93
N ALA A 134 -8.39 24.81 -9.91
CA ALA A 134 -7.58 24.65 -11.11
C ALA A 134 -6.72 23.39 -10.98
N PRO A 135 -6.16 22.91 -12.10
CA PRO A 135 -5.23 21.78 -11.94
C PRO A 135 -4.00 22.19 -11.13
N GLY A 136 -3.58 21.33 -10.20
CA GLY A 136 -2.44 21.62 -9.36
C GLY A 136 -2.82 22.11 -7.98
N ASP A 137 -4.08 22.54 -7.84
CA ASP A 137 -4.60 23.00 -6.55
C ASP A 137 -4.44 21.93 -5.46
N PRO A 138 -4.23 22.37 -4.21
CA PRO A 138 -4.09 21.44 -3.09
C PRO A 138 -5.42 20.83 -2.65
N THR A 139 -6.34 20.60 -3.59
CA THR A 139 -7.64 20.04 -3.23
C THR A 139 -7.92 18.81 -4.06
N ILE A 140 -8.81 17.97 -3.54
CA ILE A 140 -9.15 16.70 -4.18
C ILE A 140 -10.66 16.48 -4.01
N SER A 141 -11.31 15.94 -5.03
CA SER A 141 -12.75 15.73 -4.98
C SER A 141 -13.10 14.36 -4.40
N TYR A 142 -14.34 14.24 -3.92
CA TYR A 142 -14.79 12.93 -3.43
C TYR A 142 -14.74 11.88 -4.55
N PRO A 143 -15.22 12.21 -5.77
CA PRO A 143 -15.04 11.17 -6.80
C PRO A 143 -13.56 10.84 -7.11
N MET A 144 -12.63 11.75 -6.90
CA MET A 144 -11.23 11.38 -7.10
C MET A 144 -10.74 10.45 -6.01
N LEU A 145 -11.20 10.66 -4.78
CA LEU A 145 -10.91 9.71 -3.71
C LEU A 145 -11.39 8.30 -4.04
N LEU A 146 -12.60 8.20 -4.59
CA LEU A 146 -13.11 6.92 -5.06
C LEU A 146 -12.23 6.31 -6.15
N HIS A 147 -11.78 7.15 -7.07
CA HIS A 147 -10.92 6.71 -8.17
C HIS A 147 -9.59 6.15 -7.66
N VAL A 148 -9.02 6.84 -6.68
CA VAL A 148 -7.82 6.37 -6.00
C VAL A 148 -8.04 5.00 -5.33
N ALA A 149 -9.11 4.90 -4.55
CA ALA A 149 -9.41 3.67 -3.83
C ALA A 149 -9.76 2.53 -4.79
N ALA A 150 -10.45 2.85 -5.88
CA ALA A 150 -10.83 1.83 -6.88
C ALA A 150 -9.58 1.22 -7.53
N GLN A 151 -8.59 2.06 -7.82
CA GLN A 151 -7.33 1.58 -8.37
C GLN A 151 -6.60 0.63 -7.43
N ILE A 152 -6.62 0.93 -6.14
CA ILE A 152 -6.02 0.04 -5.15
C ILE A 152 -6.81 -1.27 -5.15
N ALA A 153 -8.13 -1.16 -5.24
CA ALA A 153 -8.98 -2.34 -5.25
C ALA A 153 -8.71 -3.19 -6.49
N SER A 154 -8.43 -2.53 -7.60
CA SER A 154 -8.17 -3.26 -8.85
C SER A 154 -6.84 -4.01 -8.75
N GLY A 155 -5.84 -3.35 -8.18
CA GLY A 155 -4.54 -3.97 -7.98
C GLY A 155 -4.68 -5.17 -7.08
N MET A 156 -5.46 -5.03 -6.01
CA MET A 156 -5.64 -6.15 -5.09
C MET A 156 -6.42 -7.31 -5.72
N ARG A 157 -7.42 -6.98 -6.55
CA ARG A 157 -8.20 -7.97 -7.31
C ARG A 157 -7.24 -8.82 -8.16
N TYR A 158 -6.30 -8.14 -8.80
CA TYR A 158 -5.27 -8.84 -9.57
C TYR A 158 -4.44 -9.78 -8.70
N LEU A 159 -3.96 -9.28 -7.56
CA LEU A 159 -3.12 -10.11 -6.68
C LEU A 159 -3.89 -11.36 -6.25
N ALA A 160 -5.19 -11.19 -5.97
CA ALA A 160 -6.03 -12.31 -5.58
C ALA A 160 -6.08 -13.41 -6.64
N THR A 161 -6.06 -13.03 -7.92
CA THR A 161 -6.11 -14.03 -8.99
C THR A 161 -4.81 -14.83 -9.03
N LEU A 162 -3.77 -14.26 -8.43
CA LEU A 162 -2.48 -14.94 -8.35
C LEU A 162 -2.36 -15.76 -7.07
N ASN A 163 -3.37 -15.69 -6.21
CA ASN A 163 -3.25 -16.16 -4.83
C ASN A 163 -2.00 -15.59 -4.14
N PHE A 164 -1.76 -14.32 -4.43
CA PHE A 164 -0.62 -13.59 -3.88
C PHE A 164 -1.12 -12.79 -2.71
N VAL A 165 -0.58 -13.05 -1.52
CA VAL A 165 -1.01 -12.29 -0.35
C VAL A 165 -0.02 -11.17 -0.07
N HIS A 166 -0.51 -9.95 0.07
CA HIS A 166 0.36 -8.80 0.25
C HIS A 166 0.95 -8.70 1.65
N ARG A 167 0.05 -8.75 2.66
CA ARG A 167 0.38 -8.71 4.09
CA ARG A 167 0.37 -8.72 4.09
C ARG A 167 0.69 -7.31 4.66
N ASP A 168 0.84 -6.29 3.81
CA ASP A 168 1.13 -4.95 4.34
C ASP A 168 0.48 -3.82 3.52
N LEU A 169 -0.79 -4.02 3.16
CA LEU A 169 -1.48 -2.98 2.41
C LEU A 169 -1.78 -1.79 3.32
N ALA A 170 -1.44 -0.59 2.82
CA ALA A 170 -1.66 0.69 3.51
C ALA A 170 -1.30 1.80 2.55
N THR A 171 -1.76 3.02 2.79
CA THR A 171 -1.49 4.09 1.84
C THR A 171 0.00 4.37 1.75
N ARG A 172 0.74 4.16 2.85
CA ARG A 172 2.19 4.31 2.84
C ARG A 172 2.89 3.38 1.83
N ASN A 173 2.23 2.30 1.43
CA ASN A 173 2.83 1.34 0.50
C ASN A 173 2.30 1.49 -0.92
N CYS A 174 1.58 2.57 -1.17
CA CYS A 174 1.12 2.86 -2.53
C CYS A 174 1.88 4.06 -3.10
N LEU A 175 2.08 4.07 -4.42
CA LEU A 175 2.75 5.20 -5.05
C LEU A 175 1.81 5.92 -6.01
N VAL A 176 2.06 7.21 -6.20
CA VAL A 176 1.22 8.06 -7.03
C VAL A 176 2.00 8.58 -8.24
N GLY A 177 1.46 8.37 -9.43
CA GLY A 177 2.05 8.87 -10.65
C GLY A 177 1.37 10.13 -11.18
N GLU A 178 1.40 10.32 -12.50
CA GLU A 178 0.70 11.43 -13.13
C GLU A 178 -0.80 11.17 -13.14
N ASN A 179 -1.59 12.23 -13.05
CA ASN A 179 -3.04 12.11 -13.17
C ASN A 179 -3.64 11.15 -12.16
N PHE A 180 -3.11 11.17 -10.94
CA PHE A 180 -3.65 10.36 -9.84
C PHE A 180 -3.65 8.85 -10.13
N THR A 181 -2.73 8.40 -10.96
CA THR A 181 -2.52 6.95 -11.11
C THR A 181 -1.87 6.36 -9.86
N ILE A 182 -2.32 5.17 -9.47
CA ILE A 182 -1.86 4.55 -8.24
C ILE A 182 -1.23 3.20 -8.53
N LYS A 183 -0.10 2.91 -7.90
CA LYS A 183 0.46 1.56 -7.94
C LYS A 183 0.78 1.08 -6.54
N ILE A 184 0.40 -0.16 -6.23
CA ILE A 184 0.72 -0.76 -4.93
C ILE A 184 2.15 -1.26 -4.93
N ALA A 185 2.91 -0.84 -3.92
CA ALA A 185 4.28 -1.32 -3.71
C ALA A 185 4.34 -2.11 -2.41
N ASP A 186 5.55 -2.36 -1.93
CA ASP A 186 5.74 -3.05 -0.64
C ASP A 186 7.12 -2.66 -0.14
N PHE A 187 7.16 -1.53 0.57
CA PHE A 187 8.42 -0.90 0.96
C PHE A 187 9.15 -1.70 2.00
N GLY A 188 8.41 -2.53 2.72
CA GLY A 188 8.96 -3.18 3.89
C GLY A 188 8.73 -2.24 5.07
N MET A 189 9.39 -2.53 6.18
CA MET A 189 9.02 -1.87 7.42
C MET A 189 10.10 -1.02 8.07
N SER A 190 11.01 -0.45 7.29
CA SER A 190 12.15 0.28 7.87
C SER A 190 12.18 1.81 7.68
N ARG A 191 11.27 2.39 6.91
CA ARG A 191 11.23 3.85 6.82
C ARG A 191 10.90 4.42 8.19
N ASN A 192 11.76 5.29 8.71
CA ASN A 192 11.56 5.87 10.03
CA ASN A 192 11.54 5.85 10.04
C ASN A 192 10.24 6.64 10.10
N LEU A 193 9.87 7.26 8.99
CA LEU A 193 8.64 8.04 8.87
C LEU A 193 7.40 7.24 9.31
N TYR A 194 7.43 5.92 9.11
CA TYR A 194 6.26 5.08 9.40
C TYR A 194 6.49 4.08 10.53
N ALA A 195 7.55 4.31 11.32
CA ALA A 195 7.90 3.40 12.41
C ALA A 195 6.74 3.20 13.38
N GLY A 196 5.93 4.25 13.57
CA GLY A 196 4.76 4.14 14.43
C GLY A 196 3.68 3.20 13.94
N ASP A 197 3.78 2.77 12.68
CA ASP A 197 2.77 1.90 12.09
C ASP A 197 3.05 0.44 12.31
N TYR A 198 4.16 0.14 12.96
CA TYR A 198 4.58 -1.24 13.17
C TYR A 198 4.86 -1.55 14.64
N TYR A 199 4.42 -2.74 15.06
CA TYR A 199 4.63 -3.23 16.41
C TYR A 199 5.81 -4.18 16.41
N ARG A 200 6.82 -3.82 17.19
CA ARG A 200 8.09 -4.54 17.22
CA ARG A 200 8.09 -4.54 17.22
C ARG A 200 8.35 -5.21 18.56
N VAL A 201 8.69 -6.49 18.50
CA VAL A 201 9.13 -7.24 19.66
C VAL A 201 10.36 -8.02 19.23
N GLN A 202 11.40 -7.99 20.07
CA GLN A 202 12.65 -8.67 19.81
C GLN A 202 12.41 -10.13 19.40
N GLY A 203 12.97 -10.52 18.25
CA GLY A 203 12.92 -11.90 17.80
C GLY A 203 11.66 -12.28 17.04
N ARG A 204 10.75 -11.32 16.85
CA ARG A 204 9.49 -11.58 16.15
C ARG A 204 9.44 -10.79 14.85
N ALA A 205 8.57 -11.24 13.94
CA ALA A 205 8.26 -10.49 12.73
C ALA A 205 7.68 -9.16 13.15
N VAL A 206 7.98 -8.11 12.39
CA VAL A 206 7.42 -6.78 12.64
C VAL A 206 6.00 -6.69 12.08
N LEU A 207 5.04 -6.19 12.87
CA LEU A 207 3.64 -6.33 12.51
C LEU A 207 2.89 -5.01 12.41
N PRO A 208 2.23 -4.73 11.26
CA PRO A 208 1.40 -3.53 11.11
C PRO A 208 0.03 -3.71 11.76
N ILE A 209 0.01 -3.81 13.09
CA ILE A 209 -1.17 -4.29 13.79
C ILE A 209 -2.46 -3.48 13.52
N ARG A 210 -2.32 -2.17 13.28
CA ARG A 210 -3.50 -1.32 13.08
C ARG A 210 -4.19 -1.60 11.74
N TRP A 211 -3.49 -2.28 10.84
CA TRP A 211 -4.08 -2.69 9.58
C TRP A 211 -4.46 -4.17 9.56
N MET A 212 -4.20 -4.89 10.65
CA MET A 212 -4.35 -6.36 10.63
C MET A 212 -5.68 -6.91 11.15
N ALA A 213 -6.23 -7.86 10.40
CA ALA A 213 -7.41 -8.61 10.82
C ALA A 213 -7.17 -9.30 12.15
N TRP A 214 -8.24 -9.49 12.92
CA TRP A 214 -8.10 -10.08 14.25
C TRP A 214 -7.43 -11.45 14.22
N GLU A 215 -7.74 -12.27 13.23
CA GLU A 215 -7.17 -13.60 13.16
C GLU A 215 -5.66 -13.55 12.84
N CYS A 216 -5.21 -12.47 12.21
CA CYS A 216 -3.78 -12.25 11.95
C CYS A 216 -3.02 -11.94 13.22
N ILE A 217 -3.58 -11.04 14.01
CA ILE A 217 -2.97 -10.65 15.28
C ILE A 217 -2.89 -11.85 16.20
N LEU A 218 -3.98 -12.61 16.28
CA LEU A 218 -4.03 -13.72 17.24
C LEU A 218 -3.28 -14.96 16.78
N MET A 219 -3.29 -15.22 15.48
CA MET A 219 -2.92 -16.55 15.01
C MET A 219 -1.88 -16.51 13.91
N GLY A 220 -1.43 -15.31 13.58
CA GLY A 220 -0.33 -15.10 12.66
C GLY A 220 -0.56 -15.46 11.20
N LYS A 221 -1.79 -15.78 10.82
CA LYS A 221 -2.00 -16.29 9.47
C LYS A 221 -2.65 -15.27 8.53
N PHE A 222 -1.99 -15.08 7.39
CA PHE A 222 -2.32 -14.01 6.44
C PHE A 222 -2.93 -14.61 5.18
N THR A 223 -4.06 -14.04 4.75
CA THR A 223 -4.83 -14.57 3.62
C THR A 223 -5.33 -13.43 2.75
N THR A 224 -5.93 -13.77 1.62
CA THR A 224 -6.60 -12.75 0.80
C THR A 224 -7.68 -12.04 1.64
N ALA A 225 -8.34 -12.78 2.51
CA ALA A 225 -9.39 -12.21 3.36
C ALA A 225 -8.83 -11.20 4.38
N SER A 226 -7.60 -11.41 4.83
CA SER A 226 -6.99 -10.44 5.74
C SER A 226 -6.44 -9.25 4.94
N ASP A 227 -6.12 -9.49 3.68
CA ASP A 227 -5.81 -8.37 2.79
C ASP A 227 -7.06 -7.49 2.60
N VAL A 228 -8.23 -8.11 2.53
CA VAL A 228 -9.48 -7.33 2.40
C VAL A 228 -9.68 -6.44 3.62
N TRP A 229 -9.46 -7.00 4.80
CA TRP A 229 -9.49 -6.22 6.02
C TRP A 229 -8.54 -5.02 5.96
N ALA A 230 -7.29 -5.28 5.57
CA ALA A 230 -6.32 -4.19 5.41
C ALA A 230 -6.74 -3.17 4.37
N PHE A 231 -7.39 -3.64 3.30
CA PHE A 231 -7.96 -2.73 2.32
C PHE A 231 -9.01 -1.80 2.95
N GLY A 232 -9.85 -2.38 3.81
CA GLY A 232 -10.82 -1.61 4.57
C GLY A 232 -10.16 -0.48 5.34
N VAL A 233 -9.06 -0.80 6.04
CA VAL A 233 -8.34 0.25 6.78
C VAL A 233 -7.68 1.26 5.82
N THR A 234 -7.09 0.76 4.73
CA THR A 234 -6.52 1.62 3.68
C THR A 234 -7.58 2.57 3.09
N LEU A 235 -8.80 2.06 2.89
CA LEU A 235 -9.89 2.87 2.35
C LEU A 235 -10.28 3.93 3.36
N TRP A 236 -10.30 3.54 4.63
CA TRP A 236 -10.51 4.49 5.70
C TRP A 236 -9.46 5.61 5.63
N GLU A 237 -8.20 5.22 5.49
CA GLU A 237 -7.11 6.21 5.37
C GLU A 237 -7.37 7.19 4.25
N VAL A 238 -7.70 6.65 3.07
CA VAL A 238 -7.97 7.51 1.90
C VAL A 238 -9.09 8.51 2.15
N LEU A 239 -10.19 8.03 2.75
CA LEU A 239 -11.31 8.92 3.04
C LEU A 239 -11.03 9.92 4.18
N MET A 240 -10.03 9.59 5.01
CA MET A 240 -9.55 10.50 6.05
C MET A 240 -8.51 11.47 5.48
N LEU A 241 -8.15 11.29 4.21
CA LEU A 241 -7.09 12.06 3.59
C LEU A 241 -5.83 11.95 4.45
N CYS A 242 -5.66 10.77 5.02
CA CYS A 242 -4.51 10.41 5.85
C CYS A 242 -4.27 11.43 6.97
N ARG A 243 -5.34 11.91 7.61
CA ARG A 243 -5.21 12.96 8.62
C ARG A 243 -4.97 12.39 10.02
N ALA A 244 -5.18 11.08 10.17
CA ALA A 244 -4.99 10.45 11.47
C ALA A 244 -4.66 8.99 11.31
N GLN A 245 -3.96 8.45 12.30
CA GLN A 245 -3.57 7.03 12.28
C GLN A 245 -4.78 6.20 12.70
N PRO A 246 -4.97 5.01 12.10
CA PRO A 246 -6.04 4.11 12.55
C PRO A 246 -5.91 3.83 14.02
N PHE A 247 -7.01 4.00 14.77
CA PHE A 247 -7.03 3.76 16.20
C PHE A 247 -6.03 4.65 16.91
N GLY A 248 -5.82 5.84 16.35
CA GLY A 248 -4.75 6.71 16.78
C GLY A 248 -4.72 7.11 18.23
N GLN A 249 -5.88 7.13 18.88
CA GLN A 249 -5.95 7.49 20.29
C GLN A 249 -5.79 6.26 21.22
N LEU A 250 -5.61 5.10 20.61
CA LEU A 250 -5.41 3.84 21.32
C LEU A 250 -3.96 3.36 21.26
N THR A 251 -3.47 2.75 22.33
CA THR A 251 -2.14 2.15 22.31
C THR A 251 -2.07 0.85 21.49
N ASP A 252 -0.85 0.44 21.18
CA ASP A 252 -0.64 -0.84 20.50
C ASP A 252 -1.27 -2.01 21.29
N GLU A 253 -1.11 -1.97 22.61
CA GLU A 253 -1.63 -3.03 23.46
C GLU A 253 -3.14 -3.07 23.37
N GLN A 254 -3.77 -1.91 23.35
CA GLN A 254 -5.22 -1.84 23.23
C GLN A 254 -5.69 -2.36 21.88
N VAL A 255 -4.90 -2.10 20.84
CA VAL A 255 -5.27 -2.54 19.51
C VAL A 255 -5.18 -4.07 19.46
N ILE A 256 -4.16 -4.62 20.11
CA ILE A 256 -4.00 -6.07 20.14
C ILE A 256 -5.13 -6.69 20.97
N GLU A 257 -5.53 -6.02 22.05
CA GLU A 257 -6.64 -6.51 22.85
C GLU A 257 -7.95 -6.47 22.06
N ASN A 258 -8.10 -5.49 21.17
CA ASN A 258 -9.29 -5.41 20.34
C ASN A 258 -9.44 -6.69 19.50
N ALA A 259 -8.32 -7.25 19.05
CA ALA A 259 -8.39 -8.48 18.25
C ALA A 259 -8.99 -9.60 19.08
N GLY A 260 -8.61 -9.65 20.35
CA GLY A 260 -9.16 -10.60 21.31
C GLY A 260 -10.65 -10.44 21.52
N GLU A 261 -11.14 -9.21 21.38
CA GLU A 261 -12.57 -8.96 21.51
C GLU A 261 -13.35 -9.46 20.30
N PHE A 262 -12.73 -9.39 19.12
CA PHE A 262 -13.29 -10.00 17.92
C PHE A 262 -13.41 -11.53 18.09
N PHE A 263 -12.35 -12.15 18.58
CA PHE A 263 -12.35 -13.59 18.86
C PHE A 263 -13.48 -14.02 19.77
N ARG A 264 -13.59 -13.38 20.93
CA ARG A 264 -14.57 -13.76 21.93
CA ARG A 264 -14.57 -13.76 21.93
C ARG A 264 -16.01 -13.44 21.51
N ASP A 265 -16.16 -12.54 20.54
CA ASP A 265 -17.46 -12.26 19.92
C ASP A 265 -18.59 -11.89 20.88
N GLN A 266 -18.31 -11.04 21.86
CA GLN A 266 -19.31 -10.63 22.83
C GLN A 266 -19.80 -9.19 22.60
N GLY A 267 -19.57 -8.68 21.40
CA GLY A 267 -20.02 -7.34 21.04
C GLY A 267 -19.28 -6.18 21.69
N ARG A 268 -18.04 -6.42 22.14
CA ARG A 268 -17.27 -5.37 22.76
C ARG A 268 -16.16 -4.84 21.87
N GLN A 269 -15.99 -5.43 20.68
CA GLN A 269 -14.91 -4.99 19.81
C GLN A 269 -15.26 -3.62 19.24
N VAL A 270 -14.25 -2.86 18.85
CA VAL A 270 -14.49 -1.54 18.27
C VAL A 270 -13.95 -1.43 16.86
N TYR A 271 -14.49 -0.46 16.12
CA TYR A 271 -14.12 -0.25 14.73
C TYR A 271 -13.71 1.18 14.52
N LEU A 272 -12.95 1.41 13.45
CA LEU A 272 -12.69 2.75 12.92
C LEU A 272 -14.01 3.47 12.66
N SER A 273 -14.04 4.76 12.96
CA SER A 273 -15.25 5.59 12.81
C SER A 273 -15.38 6.10 11.39
N ARG A 274 -16.57 6.56 11.02
CA ARG A 274 -16.83 7.02 9.66
CA ARG A 274 -16.83 7.02 9.66
C ARG A 274 -16.10 8.32 9.37
N PRO A 275 -15.23 8.33 8.34
CA PRO A 275 -14.57 9.61 7.99
C PRO A 275 -15.57 10.68 7.58
N PRO A 276 -15.25 11.96 7.85
CA PRO A 276 -16.12 13.07 7.44
C PRO A 276 -16.43 13.07 5.93
N ALA A 277 -15.47 12.69 5.09
CA ALA A 277 -15.67 12.63 3.62
C ALA A 277 -16.38 11.37 3.14
N CYS A 278 -16.69 10.46 4.05
CA CYS A 278 -17.27 9.16 3.70
C CYS A 278 -18.77 9.09 3.95
N PRO A 279 -19.58 8.89 2.89
CA PRO A 279 -21.02 8.74 3.08
C PRO A 279 -21.36 7.44 3.80
N GLN A 280 -22.52 7.36 4.44
CA GLN A 280 -22.85 6.19 5.24
C GLN A 280 -22.83 4.88 4.41
N GLY A 281 -23.27 4.94 3.15
CA GLY A 281 -23.26 3.75 2.30
C GLY A 281 -21.89 3.14 2.07
N LEU A 282 -20.90 3.99 1.85
CA LEU A 282 -19.53 3.55 1.67
C LEU A 282 -18.99 3.00 2.99
N TYR A 283 -19.33 3.68 4.09
CA TYR A 283 -18.88 3.23 5.41
C TYR A 283 -19.40 1.83 5.72
N GLU A 284 -20.64 1.54 5.35
CA GLU A 284 -21.18 0.19 5.56
C GLU A 284 -20.34 -0.85 4.81
N LEU A 285 -19.90 -0.51 3.61
CA LEU A 285 -19.00 -1.41 2.87
C LEU A 285 -17.70 -1.59 3.64
N MET A 286 -17.14 -0.47 4.10
CA MET A 286 -15.93 -0.51 4.92
CA MET A 286 -15.94 -0.50 4.92
C MET A 286 -16.10 -1.46 6.10
N LEU A 287 -17.22 -1.33 6.80
CA LEU A 287 -17.48 -2.20 7.95
C LEU A 287 -17.49 -3.68 7.58
N ARG A 288 -17.95 -4.01 6.38
CA ARG A 288 -18.01 -5.40 5.94
CA ARG A 288 -18.01 -5.41 5.98
C ARG A 288 -16.62 -5.99 5.75
N CYS A 289 -15.64 -5.13 5.44
CA CYS A 289 -14.24 -5.58 5.34
C CYS A 289 -13.71 -6.06 6.68
N TRP A 290 -14.37 -5.65 7.76
CA TRP A 290 -13.91 -5.95 9.11
C TRP A 290 -14.83 -6.96 9.76
N SER A 291 -15.56 -7.71 8.94
CA SER A 291 -16.37 -8.82 9.45
C SER A 291 -15.54 -9.81 10.23
N ARG A 292 -16.11 -10.34 11.32
CA ARG A 292 -15.39 -11.35 12.09
C ARG A 292 -15.06 -12.57 11.24
N GLU A 293 -16.06 -13.07 10.50
CA GLU A 293 -15.86 -14.22 9.65
C GLU A 293 -15.22 -13.84 8.32
N SER A 294 -14.08 -14.44 8.00
CA SER A 294 -13.34 -14.11 6.77
C SER A 294 -14.21 -14.21 5.53
N GLU A 295 -15.10 -15.20 5.50
CA GLU A 295 -15.92 -15.45 4.33
C GLU A 295 -17.01 -14.38 4.09
N GLN A 296 -17.31 -13.58 5.10
CA GLN A 296 -18.33 -12.53 4.95
C GLN A 296 -17.75 -11.19 4.47
N ARG A 297 -16.43 -11.13 4.36
CA ARG A 297 -15.74 -9.95 3.84
C ARG A 297 -15.87 -9.91 2.32
N PRO A 298 -16.13 -8.72 1.76
CA PRO A 298 -16.37 -8.65 0.31
C PRO A 298 -15.11 -8.96 -0.47
N PRO A 299 -15.22 -9.71 -1.58
CA PRO A 299 -14.09 -9.91 -2.48
C PRO A 299 -13.69 -8.59 -3.13
N PHE A 300 -12.47 -8.50 -3.66
CA PHE A 300 -12.04 -7.24 -4.27
C PHE A 300 -12.85 -6.89 -5.53
N SER A 301 -13.35 -7.92 -6.22
CA SER A 301 -14.23 -7.68 -7.35
C SER A 301 -15.46 -6.87 -6.91
N GLN A 302 -16.02 -7.21 -5.76
CA GLN A 302 -17.20 -6.51 -5.25
C GLN A 302 -16.82 -5.10 -4.78
N LEU A 303 -15.66 -4.99 -4.10
CA LEU A 303 -15.17 -3.71 -3.61
C LEU A 303 -14.89 -2.78 -4.79
N HIS A 304 -14.29 -3.32 -5.84
CA HIS A 304 -13.96 -2.47 -6.97
C HIS A 304 -15.24 -1.97 -7.65
N ARG A 305 -16.23 -2.86 -7.82
CA ARG A 305 -17.47 -2.44 -8.45
C ARG A 305 -18.17 -1.34 -7.65
N PHE A 306 -18.21 -1.50 -6.34
CA PHE A 306 -18.84 -0.50 -5.50
C PHE A 306 -18.13 0.85 -5.64
N LEU A 307 -16.80 0.85 -5.65
CA LEU A 307 -16.07 2.13 -5.65
C LEU A 307 -16.16 2.84 -7.00
N ALA A 308 -16.15 2.04 -8.06
CA ALA A 308 -16.23 2.54 -9.43
C ALA A 308 -17.62 2.99 -9.84
N GLU A 309 -18.64 2.37 -9.26
CA GLU A 309 -20.01 2.65 -9.70
C GLU A 309 -20.96 3.03 -8.56
N ASP A 310 -21.40 2.05 -7.74
CA ASP A 310 -22.38 2.28 -6.67
C ASP A 310 -22.09 3.52 -5.82
N ALA A 311 -20.82 3.77 -5.55
CA ALA A 311 -20.47 4.88 -4.66
C ALA A 311 -20.76 6.25 -5.26
N LEU A 312 -21.09 6.30 -6.55
CA LEU A 312 -21.45 7.56 -7.18
C LEU A 312 -22.94 7.89 -6.94
N ASN A 313 -23.66 6.98 -6.28
CA ASN A 313 -25.09 7.16 -6.03
C ASN A 313 -25.41 8.27 -5.03
N THR A 314 -26.51 8.98 -5.28
CA THR A 314 -27.05 9.95 -4.32
C THR A 314 -28.24 9.34 -3.59
C4 D6W B . 9.14 0.16 -5.10
C5 D6W B . 8.94 1.22 -4.01
C8 D6W B . 9.91 -3.34 -5.50
C10 D6W B . 9.03 -1.93 -3.74
C13 D6W B . 11.37 -2.52 -7.86
C15 D6W B . 12.82 -0.95 -9.02
C17 D6W B . 11.83 -0.36 -6.91
C20 D6W B . 10.36 3.88 -4.40
C21 D6W B . 10.09 3.66 -5.71
C22 D6W B . 9.61 4.73 -6.47
C24 D6W B . 9.76 6.25 -4.53
C26 D6W B . 9.17 4.86 -7.84
C1 D6W B . 10.83 0.48 -2.65
C2 D6W B . 11.17 -0.60 -3.69
C3 D6W B . 9.96 -1.02 -4.55
N6 D6W B . 10.26 1.57 -3.44
N7 D6W B . 10.34 -1.92 -5.71
N9 D6W B . 9.06 -3.24 -4.29
O11 D6W B . 8.35 -1.64 -2.78
C12 D6W B . 11.19 -1.60 -6.83
C14 D6W B . 12.18 -2.18 -8.96
C16 D6W B . 12.65 -0.05 -8.00
C18 D6W B . 10.91 2.82 -3.55
O19 D6W B . 11.91 3.06 -2.88
C23 D6W B . 9.46 6.00 -5.89
C25 D6W B . 10.22 5.17 -3.79
N27 D6W B . 8.76 6.12 -8.07
N28 D6W B . 8.94 6.81 -6.91
C29 D6W B . 8.22 -4.36 -3.83
C30 D6W B . 6.83 -4.25 -4.46
O31 D6W B . 6.47 -3.27 -5.09
N32 D6W B . 5.99 -5.29 -4.29
C33 D6W B . 4.67 -5.18 -4.91
I IOD C . -9.24 6.04 18.23
#